data_6HPH
#
_entry.id   6HPH
#
_cell.length_a   73.280
_cell.length_b   143.290
_cell.length_c   77.640
_cell.angle_alpha   90.00
_cell.angle_beta   90.00
_cell.angle_gamma   90.00
#
_symmetry.space_group_name_H-M   'C 2 2 21'
#
loop_
_entity.id
_entity.type
_entity.pdbx_description
1 polymer 'ATP-dependent DNA helicase PIF1'
2 non-polymer 'PHOSPHOAMINOPHOSPHONIC ACID-ADENYLATE ESTER'
3 non-polymer 'MAGNESIUM ION'
4 water water
#
_entity_poly.entity_id   1
_entity_poly.type   'polypeptide(L)'
_entity_poly.pdbx_seq_one_letter_code
;SRMQLSEEQAAVLRAVLKGQSIFFTGSAGTGKSYLLKRILGSLPPTGTVATASTGVAACHIGGTTLHAFAGIGSGQAPLA
QCVALAQRPGVRQGWLNCQRLVIDEISMVEADLFDKLEAVARAVRQQNKPFGGIQLIICGDFLQLPPVTKGSQPPRFCFQ
SKSWKRCVPVTLELTKVWRQADQTFISLLQAVRLGRCSDEVTRQLQATASHKVGRDGIVATRLCTHQDDVALTNERRLQE
LPGKVHRFEAMDSNPELASTLDAQCPVSQLLQLKLGAQVMLVKNLSVSRGLVNGARGVVVGFEAEGRGLPQVRFLCGVTE
VIHADRWTVQATGGQLLSRQQLPLQLAWAMSIHKSQGMTLDCVEISLGRVFASGQAYVALSRARSLQGLRVLDFDPMAVR
CDPRVLHFYATLRRGRSL
;
_entity_poly.pdbx_strand_id   A
#
loop_
_chem_comp.id
_chem_comp.type
_chem_comp.name
_chem_comp.formula
ANP non-polymer 'PHOSPHOAMINOPHOSPHONIC ACID-ADENYLATE ESTER' 'C10 H17 N6 O12 P3'
MG non-polymer 'MAGNESIUM ION' 'Mg 2'
#
# COMPACT_ATOMS: atom_id res chain seq x y z
N SER A 1 23.71 -0.44 -10.66
CA SER A 1 24.12 0.34 -9.46
C SER A 1 22.91 0.94 -8.79
N ARG A 2 22.73 0.48 -7.57
CA ARG A 2 21.66 0.97 -6.68
C ARG A 2 21.92 2.45 -6.43
N MET A 3 20.85 3.18 -6.18
CA MET A 3 20.95 4.58 -5.77
C MET A 3 21.72 4.61 -4.48
N GLN A 4 22.24 5.78 -4.17
CA GLN A 4 22.98 5.91 -2.97
C GLN A 4 22.05 6.03 -1.76
N LEU A 5 22.08 5.09 -0.83
CA LEU A 5 21.30 5.29 0.41
C LEU A 5 21.74 6.58 1.14
N SER A 6 20.78 7.30 1.69
CA SER A 6 21.12 8.38 2.58
C SER A 6 21.78 7.84 3.83
N GLU A 7 22.42 8.72 4.59
CA GLU A 7 23.01 8.34 5.84
C GLU A 7 21.91 7.72 6.79
N GLU A 8 20.73 8.30 6.82
CA GLU A 8 19.67 7.79 7.61
C GLU A 8 19.22 6.41 7.18
N GLN A 9 19.15 6.18 5.86
CA GLN A 9 18.80 4.85 5.35
C GLN A 9 19.87 3.87 5.63
N ALA A 10 21.16 4.27 5.48
CA ALA A 10 22.26 3.42 5.76
C ALA A 10 22.26 3.00 7.27
N ALA A 11 21.89 3.90 8.14
CA ALA A 11 21.87 3.57 9.57
C ALA A 11 20.83 2.48 9.84
N VAL A 12 19.69 2.54 9.18
CA VAL A 12 18.70 1.42 9.34
C VAL A 12 19.27 0.14 8.86
N LEU A 13 19.86 0.12 7.63
CA LEU A 13 20.39 -1.13 7.13
C LEU A 13 21.45 -1.71 8.03
N ARG A 14 22.32 -0.84 8.57
CA ARG A 14 23.32 -1.30 9.50
C ARG A 14 22.71 -2.01 10.72
N ALA A 15 21.69 -1.39 11.30
CA ALA A 15 21.02 -2.01 12.46
C ALA A 15 20.44 -3.38 12.13
N VAL A 16 19.81 -3.45 10.97
CA VAL A 16 19.22 -4.75 10.57
C VAL A 16 20.27 -5.78 10.42
N LEU A 17 21.38 -5.45 9.74
CA LEU A 17 22.41 -6.44 9.57
C LEU A 17 23.13 -6.86 10.84
N LYS A 18 23.09 -6.02 11.88
CA LYS A 18 23.61 -6.35 13.24
C LYS A 18 22.65 -7.22 13.99
N GLY A 19 21.47 -7.50 13.44
CA GLY A 19 20.54 -8.35 14.11
C GLY A 19 19.57 -7.62 15.03
N GLN A 20 19.50 -6.30 14.94
CA GLN A 20 18.62 -5.55 15.86
C GLN A 20 17.17 -5.49 15.37
N SER A 21 16.22 -5.79 16.25
CA SER A 21 14.83 -5.50 15.99
C SER A 21 14.62 -4.00 16.00
N ILE A 22 13.94 -3.46 14.98
CA ILE A 22 13.81 -2.07 14.78
C ILE A 22 12.44 -1.69 14.25
N PHE A 23 12.01 -0.48 14.57
CA PHE A 23 10.99 0.24 13.88
C PHE A 23 11.64 1.43 13.18
N PHE A 24 11.35 1.64 11.90
CA PHE A 24 11.78 2.88 11.28
C PHE A 24 10.62 3.56 10.68
N THR A 25 10.65 4.90 10.76
CA THR A 25 9.47 5.72 10.46
C THR A 25 9.89 6.92 9.67
N GLY A 26 8.95 7.55 9.06
CA GLY A 26 9.21 8.76 8.27
C GLY A 26 8.02 9.12 7.52
N SER A 27 7.98 10.38 7.09
CA SER A 27 6.87 10.91 6.31
C SER A 27 6.67 10.13 4.98
N ALA A 28 5.57 10.43 4.36
CA ALA A 28 5.31 9.85 3.04
C ALA A 28 6.47 10.15 2.10
N GLY A 29 6.90 9.15 1.35
CA GLY A 29 7.87 9.37 0.32
C GLY A 29 9.24 9.54 0.76
N THR A 30 9.62 9.13 1.97
CA THR A 30 10.96 9.17 2.52
C THR A 30 11.79 7.93 2.20
N GLY A 31 11.24 6.99 1.42
CA GLY A 31 11.98 5.85 1.02
C GLY A 31 11.92 4.65 1.94
N LYS A 32 10.90 4.53 2.77
CA LYS A 32 10.79 3.41 3.69
C LYS A 32 10.64 2.06 2.94
N SER A 33 9.70 2.01 2.03
CA SER A 33 9.47 0.74 1.30
C SER A 33 10.64 0.37 0.40
N TYR A 34 11.25 1.40 -0.24
CA TYR A 34 12.44 1.23 -1.04
C TYR A 34 13.54 0.64 -0.17
N LEU A 35 13.70 1.17 1.05
CA LEU A 35 14.71 0.65 1.96
C LEU A 35 14.43 -0.79 2.34
N LEU A 36 13.14 -1.12 2.56
CA LEU A 36 12.84 -2.54 2.78
C LEU A 36 13.32 -3.42 1.64
N LYS A 37 13.14 -2.96 0.39
CA LYS A 37 13.63 -3.77 -0.72
C LYS A 37 15.14 -3.94 -0.65
N ARG A 38 15.85 -2.87 -0.29
CA ARG A 38 17.30 -2.96 -0.14
C ARG A 38 17.71 -3.87 0.98
N ILE A 39 16.98 -3.80 2.13
CA ILE A 39 17.20 -4.73 3.25
C ILE A 39 16.98 -6.18 2.82
N LEU A 40 15.87 -6.44 2.12
CA LEU A 40 15.61 -7.78 1.65
C LEU A 40 16.72 -8.29 0.74
N GLY A 41 17.25 -7.45 -0.10
CA GLY A 41 18.37 -7.85 -0.98
C GLY A 41 19.65 -8.16 -0.25
N SER A 42 19.80 -7.51 0.90
CA SER A 42 21.04 -7.63 1.68
C SER A 42 21.06 -8.82 2.63
N LEU A 43 19.90 -9.45 2.81
CA LEU A 43 19.72 -10.57 3.78
C LEU A 43 19.67 -11.86 3.07
N PRO A 44 20.12 -12.92 3.77
CA PRO A 44 19.98 -14.25 3.29
C PRO A 44 18.46 -14.43 3.17
N PRO A 45 17.94 -14.93 2.05
CA PRO A 45 16.45 -15.08 1.87
C PRO A 45 15.85 -16.21 2.75
N THR A 46 16.61 -17.21 3.06
CA THR A 46 16.10 -18.27 3.91
C THR A 46 15.86 -17.67 5.34
N GLY A 47 14.70 -17.89 5.91
CA GLY A 47 14.38 -17.35 7.22
C GLY A 47 13.91 -15.94 7.25
N THR A 48 13.83 -15.29 6.07
CA THR A 48 13.44 -13.91 5.99
C THR A 48 12.05 -13.86 5.40
N VAL A 49 11.07 -13.31 6.11
CA VAL A 49 9.70 -13.22 5.68
C VAL A 49 9.31 -11.78 5.40
N ALA A 50 8.86 -11.47 4.20
CA ALA A 50 8.43 -10.15 3.81
C ALA A 50 6.92 -10.01 3.91
N THR A 51 6.46 -9.14 4.77
CA THR A 51 5.03 -8.92 4.90
C THR A 51 4.72 -7.39 4.85
N ALA A 52 3.43 -7.11 4.63
CA ALA A 52 2.90 -5.79 4.92
C ALA A 52 1.52 -5.97 5.48
N SER A 53 0.98 -4.89 6.09
CA SER A 53 -0.32 -4.96 6.66
C SER A 53 -1.44 -5.17 5.65
N THR A 54 -1.25 -4.73 4.42
CA THR A 54 -2.26 -4.82 3.43
C THR A 54 -1.73 -5.53 2.14
N GLY A 55 -2.60 -6.02 1.31
CA GLY A 55 -2.25 -6.63 0.11
C GLY A 55 -1.60 -5.70 -0.84
N VAL A 56 -2.13 -4.48 -0.91
CA VAL A 56 -1.58 -3.48 -1.76
C VAL A 56 -0.12 -3.18 -1.34
N ALA A 57 0.12 -3.03 -0.06
CA ALA A 57 1.46 -2.78 0.36
C ALA A 57 2.45 -3.96 0.23
N ALA A 58 1.90 -5.21 0.39
CA ALA A 58 2.74 -6.39 0.26
C ALA A 58 3.27 -6.63 -1.15
N CYS A 59 2.43 -6.34 -2.11
N CYS A 59 2.43 -6.32 -2.13
CA CYS A 59 2.91 -6.57 -3.43
CA CYS A 59 2.87 -6.53 -3.49
C CYS A 59 4.08 -5.70 -3.82
C CYS A 59 4.04 -5.64 -3.88
N HIS A 60 4.08 -4.47 -3.27
CA HIS A 60 5.14 -3.43 -3.50
C HIS A 60 6.49 -4.10 -3.19
N ILE A 61 6.59 -4.91 -2.14
CA ILE A 61 7.88 -5.48 -1.69
C ILE A 61 7.99 -6.93 -1.97
N GLY A 62 7.12 -7.46 -2.82
CA GLY A 62 7.16 -8.88 -3.19
C GLY A 62 6.84 -9.90 -2.14
N GLY A 63 6.08 -9.48 -1.14
CA GLY A 63 5.77 -10.22 0.06
C GLY A 63 4.32 -10.71 0.09
N THR A 64 3.93 -11.03 1.29
CA THR A 64 2.63 -11.54 1.63
C THR A 64 1.97 -10.61 2.64
N THR A 65 0.67 -10.76 2.89
CA THR A 65 0.07 -10.02 3.98
C THR A 65 0.45 -10.59 5.32
N LEU A 66 0.44 -9.75 6.34
CA LEU A 66 0.66 -10.21 7.70
C LEU A 66 -0.45 -11.22 8.07
N HIS A 67 -1.66 -10.99 7.62
CA HIS A 67 -2.75 -11.91 7.89
C HIS A 67 -2.48 -13.28 7.32
N ALA A 68 -1.99 -13.33 6.07
CA ALA A 68 -1.71 -14.64 5.43
C ALA A 68 -0.57 -15.32 6.11
N PHE A 69 0.51 -14.60 6.45
CA PHE A 69 1.60 -15.23 7.14
C PHE A 69 1.17 -15.80 8.52
N ALA A 70 0.39 -15.03 9.26
CA ALA A 70 0.06 -15.44 10.63
C ALA A 70 -0.78 -16.72 10.64
N GLY A 71 -1.74 -16.82 9.70
CA GLY A 71 -2.58 -18.01 9.63
C GLY A 71 -3.39 -18.31 10.89
N ILE A 72 -3.91 -17.26 11.49
CA ILE A 72 -4.73 -17.37 12.71
C ILE A 72 -6.17 -17.01 12.46
N GLY A 73 -6.66 -17.14 11.24
CA GLY A 73 -8.00 -16.73 10.97
C GLY A 73 -8.08 -15.21 11.04
N SER A 74 -9.21 -14.66 11.52
CA SER A 74 -9.33 -13.24 11.68
C SER A 74 -8.42 -12.67 12.70
N GLY A 75 -8.07 -13.52 13.71
CA GLY A 75 -7.44 -13.08 14.94
C GLY A 75 -8.42 -12.77 16.06
N GLN A 76 -9.69 -12.86 15.80
CA GLN A 76 -10.68 -12.61 16.83
C GLN A 76 -10.99 -13.82 17.71
N ALA A 77 -10.61 -15.01 17.30
CA ALA A 77 -10.86 -16.19 18.11
C ALA A 77 -10.01 -16.10 19.39
N PRO A 78 -10.38 -16.88 20.41
CA PRO A 78 -9.50 -16.92 21.60
C PRO A 78 -8.07 -17.25 21.24
N LEU A 79 -7.11 -16.82 22.05
CA LEU A 79 -5.75 -17.14 21.80
C LEU A 79 -5.49 -18.59 21.57
N ALA A 80 -6.09 -19.47 22.40
CA ALA A 80 -5.80 -20.91 22.27
C ALA A 80 -6.19 -21.42 20.88
N GLN A 81 -7.31 -20.90 20.41
CA GLN A 81 -7.72 -21.28 19.08
C GLN A 81 -6.83 -20.74 17.92
N CYS A 82 -6.34 -19.48 18.14
CA CYS A 82 -5.38 -18.94 17.22
C CYS A 82 -4.10 -19.72 17.20
N VAL A 83 -3.61 -20.15 18.38
CA VAL A 83 -2.42 -20.96 18.45
C VAL A 83 -2.63 -22.27 17.66
N ALA A 84 -3.81 -22.92 17.88
CA ALA A 84 -4.10 -24.14 17.13
C ALA A 84 -4.15 -23.91 15.63
N LEU A 85 -4.69 -22.78 15.20
CA LEU A 85 -4.66 -22.46 13.78
C LEU A 85 -3.21 -22.29 13.22
N ALA A 86 -2.38 -21.65 14.04
CA ALA A 86 -0.98 -21.41 13.66
C ALA A 86 -0.17 -22.66 13.58
N GLN A 87 -0.67 -23.73 14.25
CA GLN A 87 -0.07 -25.01 14.26
CA GLN A 87 -0.03 -24.99 14.23
C GLN A 87 -0.43 -25.90 13.06
N ARG A 88 -1.29 -25.46 12.20
CA ARG A 88 -1.71 -26.23 11.03
C ARG A 88 -0.51 -26.40 10.03
N PRO A 89 -0.44 -27.56 9.39
CA PRO A 89 0.45 -27.69 8.32
C PRO A 89 0.50 -26.42 7.37
N GLY A 90 1.75 -26.16 7.02
CA GLY A 90 2.10 -25.01 6.17
C GLY A 90 2.20 -23.75 6.99
N VAL A 91 1.19 -23.45 7.81
CA VAL A 91 1.24 -22.27 8.64
C VAL A 91 2.36 -22.40 9.69
N ARG A 92 2.40 -23.55 10.30
CA ARG A 92 3.36 -23.79 11.41
CA ARG A 92 3.33 -23.82 11.41
C ARG A 92 4.83 -23.62 10.96
N GLN A 93 5.15 -24.27 9.84
CA GLN A 93 6.49 -24.18 9.24
C GLN A 93 6.86 -22.74 8.98
N GLY A 94 5.89 -21.96 8.52
CA GLY A 94 6.19 -20.56 8.30
C GLY A 94 6.69 -19.84 9.55
N TRP A 95 5.97 -20.06 10.64
CA TRP A 95 6.33 -19.54 11.93
C TRP A 95 7.68 -20.05 12.46
N LEU A 96 7.91 -21.36 12.32
CA LEU A 96 9.10 -21.92 12.88
C LEU A 96 10.37 -21.49 12.04
N ASN A 97 10.18 -21.37 10.73
CA ASN A 97 11.33 -21.11 9.89
C ASN A 97 11.68 -19.57 9.91
N CYS A 98 10.75 -18.70 10.36
CA CYS A 98 11.00 -17.30 10.37
C CYS A 98 12.03 -16.83 11.36
N GLN A 99 13.12 -16.30 10.88
CA GLN A 99 14.13 -15.66 11.76
C GLN A 99 14.01 -14.15 11.79
N ARG A 100 13.56 -13.57 10.66
CA ARG A 100 13.41 -12.14 10.44
C ARG A 100 12.06 -11.89 9.85
N LEU A 101 11.27 -10.99 10.42
CA LEU A 101 9.95 -10.65 9.93
C LEU A 101 9.88 -9.17 9.59
N VAL A 102 9.76 -8.91 8.28
CA VAL A 102 9.55 -7.55 7.77
C VAL A 102 8.09 -7.24 7.78
N ILE A 103 7.71 -6.08 8.27
CA ILE A 103 6.32 -5.60 8.21
C ILE A 103 6.30 -4.15 7.77
N ASP A 104 5.85 -3.94 6.51
CA ASP A 104 5.59 -2.60 6.02
C ASP A 104 4.17 -2.11 6.37
N GLU A 105 3.99 -0.83 6.37
CA GLU A 105 2.71 -0.16 6.63
C GLU A 105 2.11 -0.60 7.98
N ILE A 106 2.95 -0.49 9.00
CA ILE A 106 2.52 -0.93 10.35
C ILE A 106 1.38 -0.13 10.88
N SER A 107 1.11 1.07 10.39
CA SER A 107 0.04 1.90 11.02
C SER A 107 -1.31 1.29 10.91
N MET A 108 -1.50 0.36 9.98
CA MET A 108 -2.85 -0.26 9.91
C MET A 108 -3.00 -1.44 10.88
N VAL A 109 -1.94 -1.88 11.51
CA VAL A 109 -2.02 -3.03 12.46
C VAL A 109 -2.44 -2.54 13.81
N GLU A 110 -3.57 -3.03 14.32
CA GLU A 110 -4.03 -2.57 15.61
C GLU A 110 -3.31 -3.25 16.77
N ALA A 111 -3.26 -2.58 17.91
CA ALA A 111 -2.48 -3.09 19.04
C ALA A 111 -2.94 -4.50 19.49
N ASP A 112 -4.26 -4.74 19.51
CA ASP A 112 -4.71 -6.00 20.04
C ASP A 112 -4.23 -7.14 19.15
N LEU A 113 -4.16 -6.89 17.82
CA LEU A 113 -3.64 -7.85 16.88
C LEU A 113 -2.17 -8.11 17.07
N PHE A 114 -1.40 -7.02 17.25
CA PHE A 114 0.03 -7.15 17.51
C PHE A 114 0.23 -8.06 18.77
N ASP A 115 -0.55 -7.77 19.84
CA ASP A 115 -0.45 -8.59 21.06
C ASP A 115 -0.74 -10.08 20.76
N LYS A 116 -1.75 -10.31 19.95
CA LYS A 116 -2.07 -11.69 19.63
CA LYS A 116 -2.09 -11.69 19.61
C LYS A 116 -0.94 -12.37 18.85
N LEU A 117 -0.40 -11.66 17.84
CA LEU A 117 0.68 -12.22 17.06
C LEU A 117 1.90 -12.51 17.90
N GLU A 118 2.23 -11.60 18.84
CA GLU A 118 3.37 -11.75 19.70
C GLU A 118 3.24 -13.04 20.54
N ALA A 119 2.03 -13.25 21.06
CA ALA A 119 1.74 -14.46 21.91
C ALA A 119 1.73 -15.72 21.09
N VAL A 120 1.18 -15.66 19.89
CA VAL A 120 1.21 -16.82 18.99
C VAL A 120 2.65 -17.20 18.67
N ALA A 121 3.49 -16.19 18.37
CA ALA A 121 4.88 -16.48 18.04
C ALA A 121 5.55 -17.24 19.15
N ARG A 122 5.38 -16.80 20.38
CA ARG A 122 5.99 -17.51 21.51
C ARG A 122 5.45 -18.94 21.64
N ALA A 123 4.14 -19.11 21.47
CA ALA A 123 3.54 -20.46 21.68
C ALA A 123 3.96 -21.40 20.59
N VAL A 124 3.92 -20.99 19.32
CA VAL A 124 4.17 -21.94 18.24
C VAL A 124 5.64 -22.28 18.22
N ARG A 125 6.50 -21.29 18.43
CA ARG A 125 7.96 -21.47 18.39
C ARG A 125 8.51 -22.05 19.67
N GLN A 126 7.71 -22.09 20.78
CA GLN A 126 8.20 -22.53 22.07
C GLN A 126 9.47 -21.81 22.48
N GLN A 127 9.43 -20.49 22.25
CA GLN A 127 10.48 -19.56 22.64
CA GLN A 127 10.50 -19.63 22.69
C GLN A 127 9.98 -18.50 23.57
N ASN A 128 10.45 -18.47 24.82
CA ASN A 128 9.98 -17.48 25.83
CA ASN A 128 10.00 -17.46 25.76
C ASN A 128 10.83 -16.19 25.76
N LYS A 129 10.70 -15.53 24.66
CA LYS A 129 11.39 -14.27 24.28
C LYS A 129 10.38 -13.41 23.57
N PRO A 130 10.60 -12.07 23.55
CA PRO A 130 9.60 -11.22 22.86
C PRO A 130 9.40 -11.69 21.45
N PHE A 131 8.13 -11.85 21.03
CA PHE A 131 7.79 -12.23 19.64
C PHE A 131 8.51 -13.51 19.27
N GLY A 132 8.65 -14.43 20.25
CA GLY A 132 9.27 -15.72 19.96
C GLY A 132 10.66 -15.67 19.46
N GLY A 133 11.38 -14.54 19.77
CA GLY A 133 12.79 -14.42 19.32
C GLY A 133 12.94 -13.94 17.90
N ILE A 134 11.89 -13.63 17.19
CA ILE A 134 12.04 -13.20 15.78
C ILE A 134 12.62 -11.77 15.76
N GLN A 135 13.52 -11.54 14.81
CA GLN A 135 14.03 -10.17 14.57
C GLN A 135 12.96 -9.43 13.78
N LEU A 136 12.37 -8.41 14.38
CA LEU A 136 11.36 -7.63 13.72
C LEU A 136 11.98 -6.45 13.02
N ILE A 137 11.51 -6.22 11.76
CA ILE A 137 11.97 -5.14 10.93
C ILE A 137 10.72 -4.47 10.42
N ILE A 138 10.31 -3.40 11.13
CA ILE A 138 8.99 -2.81 10.94
C ILE A 138 9.10 -1.40 10.48
N CYS A 139 8.25 -1.00 9.54
CA CYS A 139 8.23 0.41 9.16
C CYS A 139 6.85 0.88 8.83
N GLY A 140 6.71 2.22 8.76
CA GLY A 140 5.50 2.85 8.37
C GLY A 140 5.43 4.24 8.95
N ASP A 141 4.29 4.81 8.98
CA ASP A 141 4.10 6.21 9.43
C ASP A 141 2.78 6.23 10.17
N PHE A 142 2.83 6.39 11.50
CA PHE A 142 1.59 6.44 12.23
C PHE A 142 0.74 7.65 11.98
N LEU A 143 1.30 8.67 11.27
CA LEU A 143 0.53 9.79 10.80
C LEU A 143 -0.08 9.58 9.46
N GLN A 144 0.00 8.36 8.90
CA GLN A 144 -0.71 7.97 7.69
C GLN A 144 -1.92 7.13 8.11
N LEU A 145 -2.28 6.05 7.35
CA LEU A 145 -3.58 5.43 7.58
C LEU A 145 -3.68 4.76 8.96
N PRO A 146 -4.82 4.96 9.61
CA PRO A 146 -4.96 4.49 10.99
C PRO A 146 -5.32 3.05 11.04
N PRO A 147 -5.24 2.45 12.27
CA PRO A 147 -5.47 1.04 12.39
C PRO A 147 -6.87 0.61 12.04
N VAL A 148 -6.94 -0.62 11.57
CA VAL A 148 -8.21 -1.28 11.31
C VAL A 148 -8.39 -2.45 12.23
N THR A 149 -9.60 -2.94 12.33
CA THR A 149 -9.90 -4.08 13.20
C THR A 149 -10.92 -5.00 12.54
N LYS A 150 -10.74 -6.30 12.82
CA LYS A 150 -11.74 -7.31 12.47
C LYS A 150 -12.86 -7.42 13.47
N GLY A 151 -12.74 -6.74 14.60
CA GLY A 151 -13.81 -6.70 15.60
C GLY A 151 -14.65 -5.45 15.46
N SER A 152 -15.28 -5.06 16.57
CA SER A 152 -16.21 -3.91 16.60
C SER A 152 -15.73 -2.81 17.55
N GLN A 153 -14.59 -3.01 18.22
CA GLN A 153 -14.15 -1.99 19.15
C GLN A 153 -13.24 -0.95 18.50
N PRO A 154 -13.10 0.23 19.09
CA PRO A 154 -12.22 1.25 18.53
C PRO A 154 -10.79 0.79 18.59
N PRO A 155 -10.10 0.74 17.44
CA PRO A 155 -8.75 0.15 17.41
C PRO A 155 -7.73 1.02 18.15
N ARG A 156 -6.74 0.46 18.73
CA ARG A 156 -5.60 1.17 19.26
C ARG A 156 -4.48 1.11 18.26
N PHE A 157 -3.65 2.15 18.21
CA PHE A 157 -2.46 2.14 17.39
C PHE A 157 -1.48 1.07 17.85
N CYS A 158 -0.64 0.61 16.92
CA CYS A 158 0.20 -0.55 17.23
C CYS A 158 1.14 -0.21 18.40
N PHE A 159 1.64 1.02 18.48
CA PHE A 159 2.54 1.42 19.53
C PHE A 159 1.89 1.43 20.90
N GLN A 160 0.57 1.28 20.99
CA GLN A 160 -0.10 1.19 22.29
C GLN A 160 -0.02 -0.23 22.83
N SER A 161 0.38 -1.21 22.04
CA SER A 161 0.54 -2.56 22.56
C SER A 161 1.50 -2.48 23.79
N LYS A 162 1.17 -3.25 24.84
CA LYS A 162 2.10 -3.33 26.03
C LYS A 162 3.41 -4.08 25.61
N SER A 163 3.44 -4.76 24.45
CA SER A 163 4.64 -5.36 24.00
C SER A 163 5.41 -4.60 22.88
N TRP A 164 4.91 -3.46 22.46
CA TRP A 164 5.58 -2.73 21.38
C TRP A 164 7.06 -2.39 21.68
N LYS A 165 7.31 -1.68 22.73
CA LYS A 165 8.69 -1.20 22.91
C LYS A 165 9.60 -2.38 23.20
N ARG A 166 9.12 -3.41 23.88
CA ARG A 166 9.99 -4.59 24.15
C ARG A 166 10.32 -5.31 22.83
N CYS A 167 9.37 -5.37 21.92
CA CYS A 167 9.57 -6.02 20.68
C CYS A 167 10.40 -5.23 19.60
N VAL A 168 10.28 -3.90 19.63
CA VAL A 168 11.08 -3.07 18.70
C VAL A 168 11.74 -2.01 19.57
N PRO A 169 12.86 -2.38 20.19
CA PRO A 169 13.50 -1.51 21.18
C PRO A 169 14.14 -0.28 20.59
N VAL A 170 14.36 -0.24 19.28
CA VAL A 170 15.05 0.85 18.61
C VAL A 170 14.18 1.39 17.54
N THR A 171 14.09 2.75 17.48
CA THR A 171 13.35 3.41 16.37
C THR A 171 14.34 4.35 15.67
N LEU A 172 14.34 4.28 14.35
CA LEU A 172 15.15 5.21 13.53
C LEU A 172 14.18 5.97 12.65
N GLU A 173 14.63 7.13 12.17
CA GLU A 173 13.79 8.00 11.32
C GLU A 173 14.45 8.25 9.95
N LEU A 174 13.60 8.32 8.94
CA LEU A 174 13.97 8.83 7.60
C LEU A 174 13.25 10.17 7.49
N THR A 175 13.99 11.23 7.19
CA THR A 175 13.42 12.57 7.24
C THR A 175 13.52 13.32 5.92
N LYS A 176 14.13 12.76 4.91
CA LYS A 176 14.21 13.47 3.61
C LYS A 176 13.15 12.93 2.65
N VAL A 177 12.25 13.72 2.22
CA VAL A 177 11.28 13.34 1.24
C VAL A 177 11.91 13.31 -0.14
N TRP A 178 11.65 12.21 -0.86
CA TRP A 178 12.13 11.99 -2.24
C TRP A 178 10.97 11.99 -3.23
N ARG A 179 9.75 11.56 -2.84
CA ARG A 179 8.70 11.42 -3.83
C ARG A 179 8.42 12.74 -4.58
N GLN A 180 8.31 13.80 -3.77
CA GLN A 180 8.14 15.19 -4.27
C GLN A 180 9.54 15.82 -4.28
N ALA A 181 9.86 16.49 -5.39
CA ALA A 181 11.16 17.19 -5.56
C ALA A 181 11.01 18.65 -5.15
N ASP A 182 9.79 19.17 -5.17
CA ASP A 182 9.43 20.59 -4.93
C ASP A 182 9.41 20.90 -3.43
N GLN A 183 10.33 21.72 -2.92
CA GLN A 183 10.33 22.06 -1.47
C GLN A 183 9.04 22.78 -1.06
N THR A 184 8.43 23.57 -1.92
CA THR A 184 7.18 24.23 -1.54
C THR A 184 6.14 23.15 -1.18
N PHE A 185 6.00 22.16 -2.05
CA PHE A 185 5.03 21.08 -1.80
C PHE A 185 5.48 20.21 -0.63
N ILE A 186 6.72 19.91 -0.48
CA ILE A 186 7.22 19.17 0.70
C ILE A 186 6.82 19.86 1.98
N SER A 187 7.02 21.18 2.08
CA SER A 187 6.70 21.88 3.28
C SER A 187 5.21 21.89 3.49
N LEU A 188 4.41 22.08 2.46
CA LEU A 188 2.95 22.05 2.57
CA LEU A 188 2.96 22.04 2.56
C LEU A 188 2.48 20.68 3.14
N LEU A 189 2.99 19.61 2.58
CA LEU A 189 2.63 18.26 3.03
C LEU A 189 2.99 18.07 4.44
N GLN A 190 4.17 18.52 4.88
CA GLN A 190 4.48 18.33 6.28
C GLN A 190 3.53 19.11 7.20
N ALA A 191 3.11 20.29 6.80
CA ALA A 191 2.10 20.97 7.59
C ALA A 191 0.84 20.15 7.73
N VAL A 192 0.41 19.59 6.64
CA VAL A 192 -0.76 18.74 6.70
C VAL A 192 -0.54 17.51 7.56
N ARG A 193 0.59 16.86 7.43
CA ARG A 193 0.85 15.64 8.22
C ARG A 193 0.72 15.92 9.72
N LEU A 194 1.16 17.11 10.14
CA LEU A 194 1.15 17.51 11.56
C LEU A 194 -0.11 18.22 11.94
N GLY A 195 -1.08 18.40 11.02
CA GLY A 195 -2.36 19.04 11.38
C GLY A 195 -2.18 20.56 11.63
N ARG A 196 -1.26 21.24 10.93
CA ARG A 196 -0.97 22.63 11.13
C ARG A 196 -1.40 23.45 9.90
N CYS A 197 -2.68 23.54 9.63
CA CYS A 197 -3.17 24.25 8.45
C CYS A 197 -3.29 25.72 8.81
N SER A 198 -2.19 26.51 8.65
CA SER A 198 -2.23 27.95 8.77
C SER A 198 -3.08 28.55 7.63
N ASP A 199 -3.33 29.84 7.72
CA ASP A 199 -4.06 30.55 6.66
C ASP A 199 -3.30 30.24 5.29
N GLU A 200 -1.98 30.28 5.32
CA GLU A 200 -1.20 30.10 4.11
C GLU A 200 -1.33 28.74 3.53
N VAL A 201 -1.25 27.70 4.39
CA VAL A 201 -1.45 26.31 3.93
C VAL A 201 -2.81 26.13 3.31
N THR A 202 -3.86 26.59 3.96
CA THR A 202 -5.22 26.46 3.42
C THR A 202 -5.33 27.16 2.12
N ARG A 203 -4.81 28.37 2.03
CA ARG A 203 -4.89 29.11 0.73
C ARG A 203 -4.12 28.33 -0.37
N GLN A 204 -2.97 27.77 -0.02
CA GLN A 204 -2.24 27.04 -1.09
CA GLN A 204 -2.20 27.02 -1.05
C GLN A 204 -2.97 25.83 -1.55
N LEU A 205 -3.65 25.10 -0.65
CA LEU A 205 -4.45 23.95 -1.08
C LEU A 205 -5.67 24.39 -1.85
N GLN A 206 -6.30 25.45 -1.43
CA GLN A 206 -7.48 25.95 -2.16
C GLN A 206 -7.13 26.36 -3.55
N ALA A 207 -5.90 26.92 -3.77
CA ALA A 207 -5.47 27.35 -5.11
C ALA A 207 -5.41 26.20 -6.06
N THR A 208 -5.21 24.97 -5.59
CA THR A 208 -5.17 23.86 -6.49
C THR A 208 -6.44 23.45 -7.10
N ALA A 209 -7.57 24.04 -6.65
CA ALA A 209 -8.85 23.69 -7.24
C ALA A 209 -8.92 24.05 -8.68
N SER A 210 -8.06 25.02 -9.13
CA SER A 210 -8.04 25.48 -10.54
CA SER A 210 -7.93 25.52 -10.49
C SER A 210 -7.05 24.63 -11.40
N HIS A 211 -6.29 23.71 -10.84
CA HIS A 211 -5.31 22.96 -11.58
C HIS A 211 -5.86 22.17 -12.68
N LYS A 212 -5.30 22.22 -13.88
CA LYS A 212 -5.50 21.32 -14.98
C LYS A 212 -4.43 20.24 -14.86
N VAL A 213 -4.89 19.16 -14.35
CA VAL A 213 -3.97 18.01 -13.99
CA VAL A 213 -4.10 17.99 -13.94
C VAL A 213 -3.81 16.96 -15.09
N GLY A 214 -4.62 17.01 -16.06
CA GLY A 214 -4.54 16.04 -17.11
C GLY A 214 -3.85 16.47 -18.38
N ARG A 215 -4.08 15.73 -19.47
CA ARG A 215 -3.48 16.02 -20.77
C ARG A 215 -4.45 15.66 -21.78
N ASP A 216 -4.24 15.77 -23.07
CA ASP A 216 -5.21 15.51 -24.08
C ASP A 216 -5.85 14.12 -23.72
N GLY A 217 -7.12 14.12 -23.50
CA GLY A 217 -7.94 12.96 -23.29
C GLY A 217 -7.77 12.24 -21.91
N ILE A 218 -6.93 12.77 -21.02
CA ILE A 218 -6.63 12.08 -19.74
C ILE A 218 -7.12 12.96 -18.68
N VAL A 219 -8.00 12.41 -17.81
CA VAL A 219 -8.58 13.12 -16.68
C VAL A 219 -8.09 12.58 -15.37
N ALA A 220 -8.22 13.37 -14.34
CA ALA A 220 -7.76 13.04 -13.02
C ALA A 220 -8.46 11.79 -12.41
N THR A 221 -7.70 11.01 -11.68
CA THR A 221 -8.31 9.98 -10.84
C THR A 221 -8.82 10.64 -9.56
N ARG A 222 -10.12 10.42 -9.29
CA ARG A 222 -10.75 10.95 -8.05
C ARG A 222 -10.46 9.96 -6.92
N LEU A 223 -9.77 10.41 -5.88
CA LEU A 223 -9.49 9.60 -4.72
C LEU A 223 -10.71 9.69 -3.82
N CYS A 224 -11.24 8.52 -3.44
CA CYS A 224 -12.46 8.44 -2.66
C CYS A 224 -12.20 7.68 -1.37
N THR A 225 -13.04 7.94 -0.35
CA THR A 225 -12.87 7.19 0.88
C THR A 225 -13.37 5.77 0.86
N HIS A 226 -14.33 5.44 0.03
CA HIS A 226 -14.95 4.11 0.05
C HIS A 226 -15.08 3.52 -1.36
N GLN A 227 -14.76 2.22 -1.41
CA GLN A 227 -14.86 1.47 -2.66
C GLN A 227 -16.21 1.49 -3.31
N ASP A 228 -17.30 1.64 -2.54
CA ASP A 228 -18.60 1.64 -3.23
C ASP A 228 -18.64 2.73 -4.23
N ASP A 229 -18.14 3.93 -3.82
CA ASP A 229 -18.19 5.11 -4.66
C ASP A 229 -17.20 4.98 -5.86
N VAL A 230 -16.09 4.35 -5.57
CA VAL A 230 -15.09 4.06 -6.66
C VAL A 230 -15.74 3.23 -7.77
N ALA A 231 -16.35 2.12 -7.32
CA ALA A 231 -16.94 1.20 -8.28
C ALA A 231 -17.98 1.85 -9.09
N LEU A 232 -18.89 2.58 -8.42
CA LEU A 232 -19.96 3.22 -9.10
C LEU A 232 -19.46 4.29 -10.14
N THR A 233 -18.43 4.99 -9.74
CA THR A 233 -17.87 6.02 -10.65
C THR A 233 -17.22 5.37 -11.88
N ASN A 234 -16.35 4.39 -11.63
CA ASN A 234 -15.70 3.76 -12.77
C ASN A 234 -16.71 3.09 -13.72
N GLU A 235 -17.71 2.43 -13.15
CA GLU A 235 -18.71 1.76 -13.96
C GLU A 235 -19.52 2.73 -14.79
N ARG A 236 -19.98 3.80 -14.15
CA ARG A 236 -20.80 4.78 -14.88
C ARG A 236 -20.04 5.52 -15.94
N ARG A 237 -18.80 5.87 -15.68
CA ARG A 237 -17.99 6.59 -16.68
C ARG A 237 -17.69 5.66 -17.87
N LEU A 238 -17.42 4.38 -17.60
CA LEU A 238 -17.22 3.47 -18.69
C LEU A 238 -18.50 3.30 -19.54
N GLN A 239 -19.64 3.22 -18.84
CA GLN A 239 -20.95 3.00 -19.48
C GLN A 239 -21.29 4.14 -20.41
N GLU A 240 -20.92 5.34 -20.00
CA GLU A 240 -21.23 6.54 -20.76
C GLU A 240 -20.47 6.67 -22.08
N LEU A 241 -19.30 6.06 -22.20
CA LEU A 241 -18.53 6.13 -23.45
C LEU A 241 -19.27 5.45 -24.56
N PRO A 242 -19.18 6.03 -25.79
CA PRO A 242 -20.01 5.44 -26.85
C PRO A 242 -19.43 4.15 -27.46
N GLY A 243 -18.14 3.94 -27.31
CA GLY A 243 -17.51 2.80 -28.00
C GLY A 243 -18.04 1.45 -27.56
N LYS A 244 -17.81 0.41 -28.35
CA LYS A 244 -18.24 -0.94 -27.90
C LYS A 244 -17.24 -1.46 -26.86
N VAL A 245 -17.70 -2.39 -26.06
CA VAL A 245 -16.87 -2.97 -24.98
C VAL A 245 -15.93 -4.04 -25.52
N HIS A 246 -14.67 -3.94 -25.12
CA HIS A 246 -13.59 -4.94 -25.39
C HIS A 246 -13.34 -5.62 -24.02
N ARG A 247 -13.40 -6.94 -24.03
CA ARG A 247 -13.21 -7.68 -22.80
CA ARG A 247 -13.18 -7.71 -22.81
C ARG A 247 -11.93 -8.52 -22.77
N PHE A 248 -11.40 -8.64 -21.56
CA PHE A 248 -10.19 -9.37 -21.33
C PHE A 248 -10.44 -10.18 -20.03
N GLU A 249 -10.50 -11.48 -20.16
CA GLU A 249 -10.76 -12.38 -19.03
CA GLU A 249 -10.76 -12.35 -19.06
C GLU A 249 -9.52 -12.92 -18.44
N ALA A 250 -9.40 -12.84 -17.08
CA ALA A 250 -8.22 -13.34 -16.44
C ALA A 250 -8.20 -14.88 -16.48
N MET A 251 -6.97 -15.43 -16.44
CA MET A 251 -6.69 -16.90 -16.32
CA MET A 251 -6.81 -16.88 -16.20
C MET A 251 -5.98 -17.10 -14.99
N ASP A 252 -6.63 -17.83 -14.11
CA ASP A 252 -6.14 -17.97 -12.74
C ASP A 252 -5.70 -19.45 -12.62
N SER A 253 -4.63 -19.65 -11.85
N SER A 253 -4.81 -19.63 -11.67
CA SER A 253 -4.13 -21.03 -11.61
CA SER A 253 -4.58 -20.98 -11.16
C SER A 253 -5.18 -21.92 -10.95
C SER A 253 -5.64 -21.58 -10.17
N ASN A 254 -6.05 -21.32 -10.15
N ASN A 254 -6.42 -20.78 -9.42
CA ASN A 254 -7.17 -22.02 -9.57
CA ASN A 254 -7.34 -21.38 -8.39
C ASN A 254 -8.35 -21.09 -9.70
C ASN A 254 -8.55 -20.47 -8.09
N PRO A 255 -9.08 -21.20 -10.81
N PRO A 255 -9.68 -20.56 -8.82
CA PRO A 255 -10.25 -20.33 -10.99
CA PRO A 255 -10.76 -19.63 -8.67
C PRO A 255 -11.29 -20.39 -9.86
C PRO A 255 -11.38 -19.51 -7.25
N GLU A 256 -11.37 -21.49 -9.14
N GLU A 256 -11.38 -20.59 -6.47
CA GLU A 256 -12.28 -21.51 -7.95
CA GLU A 256 -12.09 -20.59 -5.17
C GLU A 256 -11.98 -20.51 -6.87
C GLU A 256 -11.50 -19.64 -4.06
N LEU A 257 -10.70 -20.11 -6.78
N LEU A 257 -10.29 -19.12 -4.30
CA LEU A 257 -10.26 -19.17 -5.75
CA LEU A 257 -9.69 -18.21 -3.37
C LEU A 257 -10.07 -17.77 -6.34
C LEU A 257 -9.60 -16.89 -4.10
N ALA A 258 -10.79 -17.44 -7.41
N ALA A 258 -10.53 -16.57 -5.00
CA ALA A 258 -10.72 -16.14 -8.07
CA ALA A 258 -10.45 -15.27 -5.67
C ALA A 258 -11.03 -15.00 -7.10
C ALA A 258 -10.46 -14.06 -4.74
N SER A 259 -11.88 -15.24 -6.07
N SER A 259 -11.23 -14.13 -3.65
CA SER A 259 -12.24 -14.21 -5.05
CA SER A 259 -11.35 -12.98 -2.71
C SER A 259 -11.06 -13.84 -4.18
C SER A 259 -10.00 -12.59 -2.12
N THR A 260 -10.23 -14.82 -3.85
N THR A 260 -9.19 -13.64 -1.94
CA THR A 260 -9.07 -14.58 -3.02
CA THR A 260 -7.82 -13.58 -1.38
C THR A 260 -8.01 -13.82 -3.81
C THR A 260 -6.85 -12.84 -2.36
N LEU A 261 -7.94 -14.04 -5.11
N LEU A 261 -6.90 -13.30 -3.61
CA LEU A 261 -6.99 -13.35 -5.97
CA LEU A 261 -6.03 -12.80 -4.67
C LEU A 261 -7.49 -11.93 -6.18
C LEU A 261 -6.45 -11.38 -5.02
N ASP A 262 -8.78 -11.77 -6.37
N ASP A 262 -7.76 -11.08 -4.96
CA ASP A 262 -9.35 -10.41 -6.56
CA ASP A 262 -8.24 -9.76 -5.26
C ASP A 262 -9.01 -9.47 -5.40
C ASP A 262 -7.71 -8.68 -4.29
N ALA A 263 -9.02 -10.01 -4.20
N ALA A 263 -7.46 -9.00 -3.03
CA ALA A 263 -8.73 -9.15 -3.05
CA ALA A 263 -6.96 -8.04 -2.03
C ALA A 263 -7.25 -8.74 -2.85
C ALA A 263 -5.58 -7.57 -2.35
N GLN A 264 -6.31 -9.46 -3.49
N GLN A 264 -4.84 -8.54 -2.85
CA GLN A 264 -4.84 -9.20 -3.35
CA GLN A 264 -3.44 -8.30 -3.18
C GLN A 264 -4.11 -8.94 -4.62
C GLN A 264 -3.25 -7.93 -4.60
N CYS A 265 -4.85 -8.60 -5.71
N CYS A 265 -4.22 -8.30 -5.46
CA CYS A 265 -4.32 -8.13 -6.99
CA CYS A 265 -4.05 -8.07 -6.85
C CYS A 265 -4.91 -6.81 -7.40
C CYS A 265 -4.87 -6.86 -7.39
N PRO A 266 -4.20 -5.97 -8.16
CA PRO A 266 -4.81 -4.67 -8.57
C PRO A 266 -5.63 -4.75 -9.85
N VAL A 267 -5.85 -5.95 -10.41
CA VAL A 267 -6.61 -6.14 -11.64
C VAL A 267 -7.70 -7.14 -11.35
N SER A 268 -8.75 -7.06 -12.14
CA SER A 268 -9.96 -7.82 -11.96
C SER A 268 -10.05 -9.09 -12.87
N GLN A 269 -10.96 -9.96 -12.46
CA GLN A 269 -11.24 -11.14 -13.28
C GLN A 269 -11.70 -10.80 -14.68
N LEU A 270 -12.59 -9.81 -14.81
CA LEU A 270 -13.10 -9.35 -16.07
C LEU A 270 -12.74 -7.92 -16.29
N LEU A 271 -11.81 -7.62 -17.17
CA LEU A 271 -11.41 -6.24 -17.53
C LEU A 271 -12.21 -5.85 -18.80
N GLN A 272 -12.99 -4.79 -18.62
CA GLN A 272 -13.72 -4.20 -19.77
C GLN A 272 -13.20 -2.85 -20.10
N LEU A 273 -12.97 -2.61 -21.39
CA LEU A 273 -12.41 -1.37 -21.88
C LEU A 273 -13.24 -0.87 -23.03
N LYS A 274 -13.12 0.42 -23.32
CA LYS A 274 -13.57 1.13 -24.51
C LYS A 274 -12.54 2.13 -24.91
N LEU A 275 -12.59 2.59 -26.17
CA LEU A 275 -11.95 3.77 -26.56
C LEU A 275 -12.30 4.90 -25.53
N GLY A 276 -11.30 5.61 -25.06
CA GLY A 276 -11.59 6.67 -24.13
C GLY A 276 -11.54 6.26 -22.69
N ALA A 277 -11.42 4.96 -22.42
CA ALA A 277 -11.42 4.57 -20.97
C ALA A 277 -10.20 5.10 -20.28
N GLN A 278 -10.41 5.56 -19.03
CA GLN A 278 -9.35 6.11 -18.17
C GLN A 278 -8.78 4.95 -17.40
N VAL A 279 -7.52 4.67 -17.52
CA VAL A 279 -6.88 3.47 -16.97
C VAL A 279 -5.63 3.84 -16.21
N MET A 280 -5.31 2.93 -15.27
CA MET A 280 -4.06 2.96 -14.52
C MET A 280 -3.25 1.73 -14.82
N LEU A 281 -1.97 1.90 -15.16
CA LEU A 281 -1.05 0.80 -15.32
C LEU A 281 -0.65 0.38 -13.95
N VAL A 282 -0.68 -0.93 -13.71
CA VAL A 282 -0.45 -1.50 -12.37
C VAL A 282 0.69 -2.50 -12.32
N LYS A 283 1.65 -2.39 -13.26
CA LYS A 283 2.90 -3.07 -13.27
C LYS A 283 3.98 -2.12 -13.67
N ASN A 284 5.18 -2.34 -13.19
CA ASN A 284 6.29 -1.56 -13.67
C ASN A 284 6.73 -2.27 -14.94
N LEU A 285 6.50 -1.64 -16.06
CA LEU A 285 6.89 -2.17 -17.37
C LEU A 285 8.22 -1.55 -17.79
N SER A 286 8.37 -0.28 -17.54
CA SER A 286 9.62 0.40 -17.91
C SER A 286 9.81 1.69 -17.10
N VAL A 287 10.73 1.65 -16.16
CA VAL A 287 11.01 2.91 -15.43
C VAL A 287 11.50 3.98 -16.39
N SER A 288 12.42 3.66 -17.30
CA SER A 288 12.93 4.69 -18.25
C SER A 288 11.82 5.32 -19.11
N ARG A 289 10.78 4.56 -19.51
CA ARG A 289 9.74 5.14 -20.37
CA ARG A 289 9.75 5.13 -20.38
C ARG A 289 8.63 5.81 -19.57
N GLY A 290 8.69 5.72 -18.21
CA GLY A 290 7.61 6.23 -17.31
C GLY A 290 6.46 5.26 -17.15
N LEU A 291 6.67 4.05 -17.66
CA LEU A 291 5.61 3.06 -17.58
C LEU A 291 5.78 2.32 -16.26
N VAL A 292 5.26 2.95 -15.20
CA VAL A 292 5.47 2.46 -13.89
C VAL A 292 4.10 2.27 -13.24
N ASN A 293 4.13 1.51 -12.16
CA ASN A 293 2.94 1.26 -11.32
C ASN A 293 2.33 2.61 -10.92
N GLY A 294 1.06 2.83 -11.22
CA GLY A 294 0.37 4.05 -10.96
C GLY A 294 0.24 4.99 -12.12
N ALA A 295 0.93 4.68 -13.25
CA ALA A 295 0.84 5.65 -14.35
C ALA A 295 -0.58 5.70 -14.90
N ARG A 296 -1.03 6.91 -15.19
CA ARG A 296 -2.42 7.14 -15.70
C ARG A 296 -2.39 7.40 -17.21
N GLY A 297 -3.33 6.78 -17.93
CA GLY A 297 -3.48 6.93 -19.35
C GLY A 297 -4.90 6.80 -19.82
N VAL A 298 -5.04 6.85 -21.12
CA VAL A 298 -6.32 6.69 -21.76
C VAL A 298 -6.17 5.71 -22.91
N VAL A 299 -7.22 4.87 -23.08
CA VAL A 299 -7.19 3.94 -24.21
C VAL A 299 -7.47 4.72 -25.50
N VAL A 300 -6.54 4.55 -26.46
CA VAL A 300 -6.61 5.28 -27.74
C VAL A 300 -6.88 4.36 -28.88
N GLY A 301 -6.89 3.06 -28.68
CA GLY A 301 -7.18 2.13 -29.81
C GLY A 301 -7.04 0.69 -29.28
N PHE A 302 -7.37 -0.24 -30.16
CA PHE A 302 -7.19 -1.67 -29.91
C PHE A 302 -6.53 -2.25 -31.15
N GLU A 303 -5.57 -3.12 -30.96
CA GLU A 303 -4.94 -3.80 -32.09
C GLU A 303 -5.96 -4.59 -32.88
N ALA A 304 -5.76 -4.68 -34.19
CA ALA A 304 -6.64 -5.40 -35.08
C ALA A 304 -6.53 -6.91 -34.91
N GLU A 305 -5.37 -7.38 -34.53
CA GLU A 305 -5.11 -8.84 -34.59
C GLU A 305 -5.20 -9.48 -33.23
N GLY A 306 -5.29 -10.79 -33.20
CA GLY A 306 -5.19 -11.56 -31.98
C GLY A 306 -6.24 -11.25 -31.01
N ARG A 307 -5.87 -10.94 -29.77
CA ARG A 307 -6.86 -10.57 -28.74
C ARG A 307 -7.39 -9.15 -28.87
N GLY A 308 -6.83 -8.34 -29.74
CA GLY A 308 -7.22 -6.97 -29.84
C GLY A 308 -6.74 -6.17 -28.63
N LEU A 309 -5.48 -6.32 -28.26
CA LEU A 309 -4.93 -5.66 -27.06
C LEU A 309 -5.06 -4.12 -27.15
N PRO A 310 -5.25 -3.49 -25.98
CA PRO A 310 -5.41 -2.01 -25.97
C PRO A 310 -4.10 -1.30 -26.18
N GLN A 311 -4.21 -0.13 -26.87
CA GLN A 311 -3.16 0.87 -27.00
C GLN A 311 -3.55 1.97 -25.97
N VAL A 312 -2.60 2.30 -25.12
CA VAL A 312 -2.84 3.33 -24.08
C VAL A 312 -1.81 4.39 -24.23
N ARG A 313 -2.28 5.69 -24.23
CA ARG A 313 -1.43 6.85 -24.19
C ARG A 313 -1.40 7.29 -22.75
N PHE A 314 -0.20 7.48 -22.24
CA PHE A 314 0.03 7.87 -20.87
C PHE A 314 0.35 9.38 -20.74
N LEU A 315 0.22 9.88 -19.52
CA LEU A 315 0.44 11.30 -19.24
C LEU A 315 1.80 11.74 -19.75
N CYS A 316 2.80 10.91 -19.59
CA CYS A 316 4.19 11.24 -20.12
C CYS A 316 4.31 11.39 -21.56
N GLY A 317 3.35 10.95 -22.38
CA GLY A 317 3.35 11.04 -23.83
C GLY A 317 3.66 9.81 -24.53
N VAL A 318 4.04 8.77 -23.82
CA VAL A 318 4.22 7.49 -24.48
C VAL A 318 2.93 6.78 -24.77
N THR A 319 2.79 6.18 -25.95
CA THR A 319 1.66 5.33 -26.38
C THR A 319 2.23 3.92 -26.48
N GLU A 320 1.64 2.95 -25.79
CA GLU A 320 2.11 1.59 -25.80
CA GLU A 320 2.10 1.56 -25.65
C GLU A 320 0.93 0.61 -25.85
N VAL A 321 1.14 -0.50 -26.56
CA VAL A 321 0.25 -1.65 -26.54
C VAL A 321 0.48 -2.40 -25.23
N ILE A 322 -0.58 -2.67 -24.48
CA ILE A 322 -0.51 -3.31 -23.16
C ILE A 322 -0.76 -4.82 -23.33
N HIS A 323 0.28 -5.57 -23.03
CA HIS A 323 0.28 -7.03 -23.14
C HIS A 323 -0.04 -7.64 -21.80
N ALA A 324 -0.29 -8.97 -21.81
CA ALA A 324 -0.59 -9.74 -20.60
C ALA A 324 0.52 -9.64 -19.59
N ASP A 325 0.13 -9.71 -18.32
CA ASP A 325 1.09 -9.89 -17.23
C ASP A 325 0.59 -10.87 -16.22
N ARG A 326 1.31 -11.07 -15.12
CA ARG A 326 0.96 -12.11 -14.19
CA ARG A 326 1.02 -12.14 -14.17
CA ARG A 326 1.08 -12.16 -14.21
C ARG A 326 1.34 -11.69 -12.79
N TRP A 327 0.50 -12.18 -11.84
CA TRP A 327 0.68 -11.99 -10.49
C TRP A 327 0.66 -13.30 -9.77
N THR A 328 1.55 -13.44 -8.80
CA THR A 328 1.49 -14.57 -7.88
CA THR A 328 1.51 -14.58 -7.90
C THR A 328 1.28 -14.06 -6.49
N VAL A 329 0.23 -14.55 -5.86
CA VAL A 329 -0.18 -14.16 -4.50
C VAL A 329 0.18 -15.22 -3.52
N GLN A 330 0.85 -14.81 -2.51
CA GLN A 330 1.28 -15.68 -1.41
C GLN A 330 0.18 -15.74 -0.36
N ALA A 331 -0.69 -16.71 -0.53
CA ALA A 331 -1.83 -16.87 0.36
C ALA A 331 -1.43 -17.70 1.65
N THR A 332 -2.33 -17.96 2.58
CA THR A 332 -2.02 -18.64 3.84
C THR A 332 -1.43 -20.01 3.68
N GLY A 333 -0.53 -20.37 4.56
CA GLY A 333 -0.02 -21.71 4.61
C GLY A 333 0.88 -22.06 3.50
N GLY A 334 1.61 -21.11 2.90
CA GLY A 334 2.54 -21.34 1.82
C GLY A 334 1.87 -21.53 0.46
N GLN A 335 0.52 -21.46 0.35
CA GLN A 335 -0.20 -21.63 -0.94
C GLN A 335 0.04 -20.47 -1.83
N LEU A 336 0.29 -20.75 -3.06
CA LEU A 336 0.51 -19.72 -4.08
C LEU A 336 -0.63 -19.76 -5.06
N LEU A 337 -1.10 -18.60 -5.46
CA LEU A 337 -2.18 -18.50 -6.47
C LEU A 337 -1.72 -17.53 -7.54
N SER A 338 -2.02 -17.80 -8.81
CA SER A 338 -1.59 -16.84 -9.84
C SER A 338 -2.78 -16.36 -10.66
N ARG A 339 -2.59 -15.17 -11.22
CA ARG A 339 -3.57 -14.61 -12.16
C ARG A 339 -2.82 -14.00 -13.36
N GLN A 340 -3.25 -14.37 -14.57
CA GLN A 340 -2.83 -13.71 -15.78
CA GLN A 340 -2.76 -13.69 -15.78
C GLN A 340 -3.89 -12.77 -16.22
N GLN A 341 -3.51 -11.49 -16.44
CA GLN A 341 -4.48 -10.47 -16.90
C GLN A 341 -3.67 -9.28 -17.43
N LEU A 342 -4.31 -8.40 -18.18
CA LEU A 342 -3.60 -7.17 -18.56
C LEU A 342 -3.40 -6.33 -17.34
N PRO A 343 -2.28 -5.61 -17.18
CA PRO A 343 -2.04 -4.83 -15.98
C PRO A 343 -2.69 -3.45 -16.02
N LEU A 344 -4.01 -3.43 -16.17
CA LEU A 344 -4.82 -2.20 -16.23
C LEU A 344 -5.99 -2.29 -15.33
N GLN A 345 -6.32 -1.21 -14.65
CA GLN A 345 -7.56 -1.06 -13.93
C GLN A 345 -8.21 0.27 -14.33
N LEU A 346 -9.53 0.31 -14.31
CA LEU A 346 -10.22 1.57 -14.50
C LEU A 346 -9.85 2.58 -13.47
N ALA A 347 -9.76 3.87 -13.82
CA ALA A 347 -9.17 4.80 -12.91
C ALA A 347 -9.75 6.21 -13.05
N TRP A 348 -11.03 6.28 -13.37
CA TRP A 348 -11.74 7.50 -13.01
C TRP A 348 -11.75 7.76 -11.50
N ALA A 349 -11.69 6.70 -10.72
CA ALA A 349 -11.71 6.78 -9.29
C ALA A 349 -10.82 5.66 -8.72
N MET A 350 -10.38 5.88 -7.49
CA MET A 350 -9.60 4.89 -6.76
C MET A 350 -9.78 5.18 -5.27
N SER A 351 -9.77 4.17 -4.42
CA SER A 351 -9.89 4.43 -2.96
C SER A 351 -8.55 4.91 -2.41
N ILE A 352 -8.63 5.73 -1.36
CA ILE A 352 -7.38 6.19 -0.72
C ILE A 352 -6.67 4.98 -0.12
N HIS A 353 -7.42 4.02 0.45
CA HIS A 353 -6.76 2.84 0.94
C HIS A 353 -5.98 2.09 -0.13
N LYS A 354 -6.53 2.03 -1.34
CA LYS A 354 -5.81 1.33 -2.41
C LYS A 354 -4.64 2.11 -2.97
N SER A 355 -4.54 3.39 -2.66
CA SER A 355 -3.42 4.18 -3.06
C SER A 355 -2.26 4.04 -2.09
N GLN A 356 -2.42 3.39 -0.98
CA GLN A 356 -1.44 3.30 0.07
C GLN A 356 -0.11 2.93 -0.48
N GLY A 357 0.92 3.71 -0.13
CA GLY A 357 2.27 3.44 -0.53
C GLY A 357 2.63 3.80 -1.98
N MET A 358 1.66 4.22 -2.80
CA MET A 358 1.90 4.48 -4.18
C MET A 358 2.32 5.94 -4.44
N THR A 359 2.95 6.13 -5.61
CA THR A 359 3.10 7.42 -6.20
C THR A 359 2.15 7.57 -7.33
N LEU A 360 1.45 8.68 -7.39
CA LEU A 360 0.50 9.00 -8.41
C LEU A 360 0.81 10.38 -9.06
N ASP A 361 0.19 10.70 -10.20
CA ASP A 361 0.48 12.06 -10.74
C ASP A 361 -0.69 12.73 -11.44
N CYS A 362 -1.91 12.30 -11.21
CA CYS A 362 -3.08 12.91 -11.90
C CYS A 362 -4.25 12.62 -10.95
N VAL A 363 -4.37 13.39 -9.84
CA VAL A 363 -5.41 13.08 -8.84
C VAL A 363 -6.23 14.28 -8.39
N GLU A 364 -7.46 13.99 -8.07
CA GLU A 364 -8.42 14.99 -7.57
C GLU A 364 -9.04 14.45 -6.27
N ILE A 365 -9.27 15.34 -5.32
CA ILE A 365 -9.87 14.94 -4.08
C ILE A 365 -10.74 16.09 -3.54
N SER A 366 -11.92 15.75 -2.97
CA SER A 366 -12.73 16.69 -2.27
C SER A 366 -12.50 16.57 -0.77
N LEU A 367 -12.02 17.66 -0.12
CA LEU A 367 -11.59 17.65 1.26
C LEU A 367 -12.35 18.62 2.13
N GLY A 368 -13.69 18.48 2.08
CA GLY A 368 -14.61 19.29 2.85
C GLY A 368 -15.36 18.59 3.97
N ARG A 369 -14.92 17.37 4.25
CA ARG A 369 -15.57 16.47 5.23
C ARG A 369 -14.55 16.03 6.27
N VAL A 370 -15.09 15.54 7.37
CA VAL A 370 -14.24 14.86 8.39
C VAL A 370 -13.73 13.55 7.76
N PHE A 371 -12.44 13.36 7.82
CA PHE A 371 -11.80 12.13 7.33
C PHE A 371 -11.21 11.41 8.54
N ALA A 372 -10.73 10.21 8.31
CA ALA A 372 -9.99 9.48 9.34
C ALA A 372 -8.64 10.21 9.57
N SER A 373 -8.07 10.06 10.74
CA SER A 373 -6.71 10.62 11.01
C SER A 373 -5.76 10.16 9.95
N GLY A 374 -5.02 11.08 9.38
CA GLY A 374 -3.99 10.70 8.40
C GLY A 374 -4.50 10.50 6.99
N GLN A 375 -5.80 10.36 6.80
CA GLN A 375 -6.31 9.96 5.50
C GLN A 375 -6.20 11.03 4.44
N ALA A 376 -6.50 12.28 4.81
CA ALA A 376 -6.25 13.38 3.88
C ALA A 376 -4.77 13.51 3.54
N TYR A 377 -3.90 13.38 4.56
CA TYR A 377 -2.48 13.42 4.28
C TYR A 377 -2.05 12.34 3.32
N VAL A 378 -2.51 11.11 3.49
CA VAL A 378 -2.18 10.04 2.54
C VAL A 378 -2.63 10.47 1.14
N ALA A 379 -3.83 10.91 0.99
CA ALA A 379 -4.29 11.25 -0.38
C ALA A 379 -3.44 12.32 -1.00
N LEU A 380 -3.13 13.40 -0.26
CA LEU A 380 -2.36 14.54 -0.82
C LEU A 380 -0.94 14.14 -1.13
N SER A 381 -0.35 13.27 -0.33
CA SER A 381 1.03 12.91 -0.44
C SER A 381 1.34 11.83 -1.46
N ARG A 382 0.30 11.35 -2.17
CA ARG A 382 0.56 10.47 -3.28
C ARG A 382 1.15 11.16 -4.50
N ALA A 383 0.80 12.43 -4.70
CA ALA A 383 1.15 13.15 -5.88
C ALA A 383 2.63 13.47 -5.94
N ARG A 384 3.19 13.29 -7.14
CA ARG A 384 4.61 13.56 -7.34
C ARG A 384 4.79 15.08 -7.38
N SER A 385 3.80 15.79 -7.86
CA SER A 385 3.91 17.25 -8.06
C SER A 385 2.58 17.92 -7.71
N LEU A 386 2.67 19.17 -7.25
CA LEU A 386 1.48 19.91 -6.78
C LEU A 386 0.57 20.20 -7.95
N GLN A 387 1.15 20.27 -9.12
CA GLN A 387 0.44 20.53 -10.36
CA GLN A 387 0.40 20.58 -10.32
C GLN A 387 -0.38 19.30 -10.96
N GLY A 388 -0.06 18.08 -10.41
CA GLY A 388 -0.83 16.84 -10.59
C GLY A 388 -1.93 16.61 -9.58
N LEU A 389 -2.14 17.59 -8.74
CA LEU A 389 -3.11 17.53 -7.68
C LEU A 389 -4.15 18.60 -7.83
N ARG A 390 -5.46 18.26 -7.67
CA ARG A 390 -6.56 19.18 -7.64
C ARG A 390 -7.37 18.91 -6.40
N VAL A 391 -7.37 19.84 -5.45
CA VAL A 391 -8.12 19.71 -4.21
C VAL A 391 -9.35 20.57 -4.30
N LEU A 392 -10.52 19.94 -4.17
CA LEU A 392 -11.79 20.69 -4.19
C LEU A 392 -12.32 20.88 -2.76
N ASP A 393 -12.88 22.06 -2.52
CA ASP A 393 -13.61 22.36 -1.26
C ASP A 393 -12.75 22.12 -0.03
N PHE A 394 -11.46 22.44 -0.09
CA PHE A 394 -10.60 22.15 1.05
C PHE A 394 -11.04 22.91 2.30
N ASP A 395 -11.08 22.18 3.39
CA ASP A 395 -11.35 22.67 4.75
C ASP A 395 -10.45 21.95 5.67
N PRO A 396 -9.72 22.66 6.58
CA PRO A 396 -8.89 21.99 7.53
C PRO A 396 -9.60 20.93 8.44
N MET A 397 -10.90 20.99 8.51
N MET A 397 -10.92 20.94 8.50
CA MET A 397 -11.62 19.92 9.17
CA MET A 397 -11.63 19.86 9.19
C MET A 397 -11.31 18.54 8.66
C MET A 397 -11.30 18.49 8.66
N ALA A 398 -10.87 18.43 7.39
CA ALA A 398 -10.50 17.17 6.73
C ALA A 398 -9.20 16.65 7.25
N VAL A 399 -8.40 17.52 7.82
CA VAL A 399 -7.03 17.17 8.24
C VAL A 399 -7.02 16.98 9.77
N ARG A 400 -6.86 15.75 10.16
CA ARG A 400 -6.92 15.40 11.58
C ARG A 400 -5.72 14.55 11.92
N CYS A 401 -5.09 14.90 13.03
CA CYS A 401 -4.06 14.05 13.64
C CYS A 401 -4.58 13.49 14.94
N ASP A 402 -4.46 12.19 15.10
CA ASP A 402 -4.89 11.58 16.37
C ASP A 402 -3.90 12.05 17.42
N PRO A 403 -4.36 12.63 18.53
CA PRO A 403 -3.39 13.10 19.54
C PRO A 403 -2.53 11.99 20.13
N ARG A 404 -2.96 10.73 20.07
CA ARG A 404 -2.17 9.71 20.57
C ARG A 404 -0.84 9.57 19.77
N VAL A 405 -0.97 9.79 18.43
CA VAL A 405 0.18 9.69 17.55
C VAL A 405 1.19 10.88 17.76
N LEU A 406 0.68 12.08 17.92
CA LEU A 406 1.59 13.16 18.23
C LEU A 406 2.32 12.95 19.51
N HIS A 407 1.61 12.40 20.51
CA HIS A 407 2.26 12.10 21.77
C HIS A 407 3.35 11.06 21.64
N PHE A 408 3.02 9.98 20.85
CA PHE A 408 4.00 8.94 20.59
C PHE A 408 5.27 9.54 19.99
N TYR A 409 5.11 10.35 18.94
CA TYR A 409 6.26 10.85 18.25
C TYR A 409 7.08 11.82 19.13
N ALA A 410 6.36 12.61 19.96
CA ALA A 410 7.04 13.54 20.84
C ALA A 410 7.91 12.79 21.91
N THR A 411 7.34 11.73 22.44
CA THR A 411 8.07 10.85 23.32
CA THR A 411 8.03 10.89 23.36
C THR A 411 9.27 10.21 22.72
N LEU A 412 9.06 9.72 21.53
CA LEU A 412 10.13 9.17 20.83
C LEU A 412 11.35 10.08 20.69
N ARG A 413 11.08 11.33 20.47
CA ARG A 413 12.09 12.31 20.21
C ARG A 413 12.72 12.87 21.45
N ARG A 414 12.29 12.48 22.64
CA ARG A 414 12.65 13.27 23.80
CA ARG A 414 12.63 13.25 23.80
C ARG A 414 14.19 13.43 24.00
N GLY A 415 14.91 12.34 23.84
CA GLY A 415 16.36 12.35 24.05
C GLY A 415 17.17 12.70 22.83
N ARG A 416 16.51 13.03 21.73
CA ARG A 416 17.20 13.22 20.44
C ARG A 416 17.78 14.60 20.25
N SER A 417 18.81 14.72 19.42
CA SER A 417 19.45 16.01 19.20
C SER A 417 18.56 17.03 18.48
N LEU A 418 17.69 16.54 17.54
CA LEU A 418 16.77 17.33 16.75
C LEU A 418 15.46 16.66 16.58
PG ANP B . 4.88 5.93 1.75
O1G ANP B . 3.91 6.69 0.87
O2G ANP B . 4.67 4.46 1.70
O3G ANP B . 5.03 6.47 3.13
PB ANP B . 7.81 5.46 1.44
O1B ANP B . 7.61 3.98 1.56
O2B ANP B . 8.44 6.17 2.58
N3B ANP B . 6.40 6.22 0.96
PA ANP B . 8.97 4.89 -1.15
O1A ANP B . 7.65 4.76 -1.77
O2A ANP B . 9.70 3.70 -0.89
O3A ANP B . 8.79 5.75 0.18
O5' ANP B . 9.94 5.81 -1.97
C5' ANP B . 9.54 7.10 -2.50
C4' ANP B . 10.52 7.45 -3.60
O4' ANP B . 11.78 7.72 -3.00
C3' ANP B . 10.72 6.34 -4.67
O3' ANP B . 10.55 6.90 -5.95
C2' ANP B . 12.20 5.98 -4.43
O2' ANP B . 12.92 5.61 -5.61
C1' ANP B . 12.77 7.24 -3.88
N9 ANP B . 13.96 7.08 -3.10
C8 ANP B . 14.09 6.33 -1.94
N7 ANP B . 15.31 6.40 -1.39
C5 ANP B . 16.01 7.21 -2.27
C6 ANP B . 17.34 7.65 -2.26
N6 ANP B . 18.25 7.31 -1.38
N1 ANP B . 17.68 8.48 -3.27
C2 ANP B . 16.80 8.86 -4.16
N3 ANP B . 15.53 8.54 -4.25
C4 ANP B . 15.14 7.66 -3.28
MG MG C . 5.86 2.81 1.54
#